data_7YP1
#
_entry.id   7YP1
#
_cell.length_a   1.00
_cell.length_b   1.00
_cell.length_c   1.00
_cell.angle_alpha   90.00
_cell.angle_beta   90.00
_cell.angle_gamma   90.00
#
_symmetry.space_group_name_H-M   'P 1'
#
loop_
_entity.id
_entity.type
_entity.pdbx_description
1 polymer 'EBV gH'
2 polymer 'EBV gL'
3 polymer '10E4 heavy chain'
4 polymer '10E4 light chain'
#
loop_
_entity_poly.entity_id
_entity_poly.type
_entity_poly.pdbx_seq_one_letter_code
_entity_poly.pdbx_strand_id
1 'polypeptide(L)'
;LSEVKLHLDIEGHASHYTIPWTELMAKVPGLSPEALWREANVTEDLASMLNRYKLIYKTSGTLGIALASAPLEKQLFYYI
GTMLPNTRPHSYVFYQLRCHLSYVALSINGDKFQYTGAMTSKFLMGTYKRVTEKGDEHVLSLVFGKTKDLPDLRGPFSYP
SLTSAQSGDYSLVIVTTFVHYANFHNYFVPNLKDMFSRAVT
;
A
2 'polypeptide(L)' LALENISDIYLVSNQTCDGFSLASLNSVISRCANGLNVVSFFISILKRSSSALTGHLRELLTTLETLYGSFSVEDLFGAN B
3 'polypeptide(L)'
;QQVKESGGRLVTPGTPLTLTCTASGFSLSTYWMSWVRQAPGKGLEYIGVIGGSGSTYYASWAKGRFTISKTSTTVDLKIT
SPTTEDTATYFCARDSGAGVRFRFWGPGTLVTVSS
;
D
4 'polypeptide(L)'
;DLVMTQTPASVEAGVGGTVTINCQASENIGSRLAWYQQKPGQPPKLLIYRASTLESGVPSRFKGSGSGTEFTLTISDLEC
ADAATYYCQCTYGVSITINYGNDFGGGTEVVVK
;
G
#
# COMPACT_ATOMS: atom_id res chain seq x y z
N LEU A 1 -0.37 -0.93 -29.10
CA LEU A 1 -1.13 -1.01 -30.34
C LEU A 1 -2.01 -2.25 -30.39
N SER A 2 -1.41 -3.42 -30.22
CA SER A 2 -2.17 -4.66 -30.31
C SER A 2 -2.60 -5.18 -28.94
N GLU A 3 -1.65 -5.58 -28.11
CA GLU A 3 -1.91 -6.26 -26.84
C GLU A 3 -0.58 -6.40 -26.11
N VAL A 4 -0.65 -6.49 -24.79
CA VAL A 4 0.47 -6.85 -23.93
C VAL A 4 -0.07 -7.85 -22.91
N LYS A 5 0.77 -8.80 -22.50
CA LYS A 5 0.30 -9.81 -21.55
C LYS A 5 1.20 -9.83 -20.33
N LEU A 6 0.92 -8.95 -19.37
CA LEU A 6 1.79 -8.79 -18.21
C LEU A 6 1.74 -10.02 -17.33
N HIS A 7 2.91 -10.49 -16.91
CA HIS A 7 3.06 -11.65 -16.05
C HIS A 7 3.69 -11.23 -14.74
N LEU A 8 3.31 -11.89 -13.65
CA LEU A 8 3.92 -11.59 -12.37
C LEU A 8 4.16 -12.90 -11.62
N ASP A 9 5.16 -12.89 -10.73
CA ASP A 9 5.51 -14.06 -9.93
C ASP A 9 6.15 -13.58 -8.62
N ILE A 10 5.35 -13.48 -7.57
CA ILE A 10 5.81 -12.99 -6.28
C ILE A 10 5.80 -14.16 -5.30
N GLU A 11 7.00 -14.69 -5.01
CA GLU A 11 7.22 -15.82 -4.10
C GLU A 11 6.42 -17.05 -4.48
N GLY A 12 6.36 -17.36 -5.78
CA GLY A 12 5.74 -18.56 -6.27
C GLY A 12 4.35 -18.36 -6.85
N HIS A 13 3.61 -17.38 -6.34
CA HIS A 13 2.26 -17.13 -6.82
C HIS A 13 2.32 -16.52 -8.22
N ALA A 14 1.85 -17.28 -9.21
CA ALA A 14 1.94 -16.89 -10.59
C ALA A 14 0.62 -16.26 -11.05
N SER A 15 0.72 -15.12 -11.73
CA SER A 15 -0.43 -14.39 -12.19
C SER A 15 -0.25 -14.03 -13.65
N HIS A 16 -1.37 -13.97 -14.38
CA HIS A 16 -1.31 -13.94 -15.84
C HIS A 16 -2.32 -12.95 -16.43
N TYR A 17 -2.28 -11.71 -15.98
CA TYR A 17 -3.21 -10.67 -16.45
C TYR A 17 -2.95 -10.32 -17.91
N THR A 18 -3.92 -9.61 -18.48
CA THR A 18 -3.90 -9.22 -19.89
C THR A 18 -4.43 -7.81 -20.01
N ILE A 19 -3.68 -6.92 -20.67
CA ILE A 19 -4.09 -5.53 -20.82
C ILE A 19 -4.37 -5.25 -22.29
N PRO A 20 -5.61 -5.34 -22.74
CA PRO A 20 -5.90 -5.07 -24.16
C PRO A 20 -5.81 -3.58 -24.46
N TRP A 21 -4.90 -3.21 -25.36
CA TRP A 21 -4.68 -1.82 -25.69
C TRP A 21 -5.51 -1.33 -26.87
N THR A 22 -6.33 -2.19 -27.47
CA THR A 22 -7.28 -1.70 -28.47
C THR A 22 -8.60 -1.26 -27.86
N GLU A 23 -8.83 -1.55 -26.58
CA GLU A 23 -10.04 -1.11 -25.89
C GLU A 23 -9.81 0.10 -25.00
N LEU A 24 -8.73 0.10 -24.22
CA LEU A 24 -8.45 1.20 -23.31
C LEU A 24 -8.11 2.48 -24.06
N MET A 25 -7.55 2.34 -25.25
CA MET A 25 -7.25 3.46 -26.12
C MET A 25 -8.47 3.89 -26.92
N ALA A 26 -9.58 3.16 -26.81
CA ALA A 26 -10.79 3.43 -27.58
C ALA A 26 -12.01 3.73 -26.74
N LYS A 27 -12.14 3.16 -25.55
CA LYS A 27 -13.26 3.47 -24.67
C LYS A 27 -12.98 4.65 -23.75
N VAL A 28 -11.73 5.05 -23.62
CA VAL A 28 -11.39 6.20 -22.78
C VAL A 28 -10.80 7.28 -23.67
N PRO A 29 -11.61 8.22 -24.17
CA PRO A 29 -11.03 9.38 -24.86
C PRO A 29 -10.57 10.41 -23.84
N GLY A 30 -9.29 10.78 -23.90
CA GLY A 30 -8.33 10.22 -24.84
C GLY A 30 -7.10 9.69 -24.15
N LEU A 31 -6.93 8.38 -24.18
CA LEU A 31 -5.73 7.78 -23.63
C LEU A 31 -4.58 7.90 -24.62
N SER A 32 -3.39 7.55 -24.17
CA SER A 32 -2.20 7.59 -25.00
C SER A 32 -1.15 6.64 -24.45
N PRO A 33 -1.21 5.35 -24.79
CA PRO A 33 -0.16 4.43 -24.35
C PRO A 33 1.14 4.60 -25.08
N GLU A 34 1.11 5.15 -26.29
CA GLU A 34 2.34 5.40 -27.03
C GLU A 34 3.12 6.56 -26.44
N ALA A 35 2.44 7.50 -25.81
CA ALA A 35 3.12 8.69 -25.28
C ALA A 35 3.76 8.44 -23.94
N LEU A 36 3.08 7.74 -23.04
CA LEU A 36 3.60 7.53 -21.69
C LEU A 36 4.75 6.55 -21.64
N TRP A 37 4.97 5.77 -22.70
CA TRP A 37 6.10 4.84 -22.71
C TRP A 37 7.42 5.59 -22.82
N ARG A 38 7.44 6.72 -23.52
CA ARG A 38 8.67 7.47 -23.63
C ARG A 38 8.99 8.25 -22.36
N GLU A 39 7.99 8.64 -21.58
CA GLU A 39 8.25 9.35 -20.34
C GLU A 39 8.61 8.42 -19.20
N ALA A 40 8.25 7.14 -19.30
CA ALA A 40 8.72 6.18 -18.31
C ALA A 40 10.21 5.95 -18.43
N ASN A 41 10.73 5.96 -19.67
CA ASN A 41 12.14 5.81 -20.01
C ASN A 41 12.69 4.49 -19.47
N VAL A 42 12.12 3.40 -20.00
CA VAL A 42 12.31 2.08 -19.40
C VAL A 42 13.66 1.46 -19.63
N THR A 43 14.56 2.12 -20.35
CA THR A 43 15.86 1.54 -20.64
C THR A 43 17.01 2.41 -20.14
N GLU A 44 16.77 3.24 -19.12
CA GLU A 44 17.84 4.02 -18.51
C GLU A 44 18.31 3.34 -17.23
N ASP A 45 19.62 3.27 -17.07
CA ASP A 45 20.27 2.35 -16.15
C ASP A 45 19.99 2.70 -14.70
N LEU A 46 20.43 1.81 -13.82
CA LEU A 46 20.29 2.05 -12.39
C LEU A 46 21.23 3.15 -11.92
N ALA A 47 22.36 3.32 -12.59
CA ALA A 47 23.29 4.39 -12.24
C ALA A 47 22.73 5.76 -12.57
N SER A 48 21.82 5.85 -13.53
CA SER A 48 21.20 7.11 -13.91
C SER A 48 19.76 7.20 -13.45
N MET A 49 19.30 6.25 -12.64
CA MET A 49 18.02 6.44 -11.97
C MET A 49 18.22 7.00 -10.58
N LEU A 50 19.25 6.56 -9.88
CA LEU A 50 19.61 7.17 -8.61
C LEU A 50 20.30 8.52 -8.77
N ASN A 51 20.58 8.96 -10.00
CA ASN A 51 20.96 10.35 -10.20
C ASN A 51 19.76 11.25 -10.01
N ARG A 52 18.69 11.03 -10.76
CA ARG A 52 17.53 11.90 -10.68
C ARG A 52 16.61 11.56 -9.52
N TYR A 53 16.96 10.59 -8.69
CA TYR A 53 16.28 10.43 -7.43
C TYR A 53 16.92 11.26 -6.33
N LYS A 54 18.22 11.53 -6.45
CA LYS A 54 18.93 12.36 -5.49
C LYS A 54 19.06 13.80 -5.96
N LEU A 55 18.06 14.30 -6.67
CA LEU A 55 17.95 15.71 -7.00
C LEU A 55 16.73 16.37 -6.39
N ILE A 56 15.63 15.68 -6.28
CA ILE A 56 14.39 16.26 -5.81
C ILE A 56 14.40 16.35 -4.30
N TYR A 57 13.98 17.50 -3.77
CA TYR A 57 14.07 17.79 -2.34
C TYR A 57 13.11 16.93 -1.55
N LYS A 58 13.64 16.17 -0.61
CA LYS A 58 12.87 15.22 0.18
C LYS A 58 12.82 15.69 1.62
N THR A 59 11.62 15.76 2.19
CA THR A 59 11.40 16.30 3.51
C THR A 59 11.54 15.21 4.57
N SER A 60 11.23 15.57 5.81
CA SER A 60 11.21 14.64 6.92
C SER A 60 9.82 14.04 7.10
N GLY A 61 8.81 14.88 7.28
CA GLY A 61 7.44 14.41 7.30
C GLY A 61 6.73 14.56 8.63
N THR A 62 5.63 15.30 8.64
CA THR A 62 4.77 15.45 9.81
C THR A 62 3.50 14.69 9.50
N LEU A 63 3.42 13.45 9.98
CA LEU A 63 2.33 12.55 9.65
C LEU A 63 1.72 12.01 10.93
N GLY A 64 0.39 12.10 11.03
CA GLY A 64 -0.34 11.54 12.14
C GLY A 64 -1.23 12.51 12.89
N ILE A 65 -1.08 13.82 12.71
CA ILE A 65 -1.93 14.77 13.43
C ILE A 65 -3.34 14.72 12.88
N ALA A 66 -4.32 14.82 13.77
CA ALA A 66 -5.73 14.70 13.43
C ALA A 66 -6.42 16.05 13.49
N LEU A 67 -7.29 16.31 12.53
CA LEU A 67 -7.96 17.60 12.42
C LEU A 67 -9.44 17.35 12.10
N ALA A 68 -10.14 18.41 11.71
CA ALA A 68 -11.57 18.31 11.39
C ALA A 68 -11.84 18.37 9.89
N SER A 69 -25.01 19.32 -7.66
CA SER A 69 -23.64 19.25 -7.18
C SER A 69 -22.67 19.15 -8.34
N ALA A 70 -22.42 17.93 -8.79
CA ALA A 70 -21.50 17.71 -9.90
C ALA A 70 -21.94 18.30 -11.25
N PRO A 71 -23.23 18.51 -11.57
CA PRO A 71 -23.52 19.40 -12.70
C PRO A 71 -23.05 20.83 -12.51
N LEU A 72 -23.01 21.32 -11.26
CA LEU A 72 -22.45 22.63 -10.99
C LEU A 72 -20.94 22.55 -10.74
N GLU A 73 -20.47 21.44 -10.15
CA GLU A 73 -19.05 21.30 -9.86
C GLU A 73 -18.23 21.11 -11.12
N LYS A 74 -18.82 20.53 -12.15
CA LYS A 74 -18.17 20.46 -13.45
C LYS A 74 -18.60 21.60 -14.36
N GLN A 75 -19.48 22.49 -13.89
CA GLN A 75 -19.70 23.76 -14.56
C GLN A 75 -18.58 24.74 -14.24
N LEU A 76 -17.86 24.53 -13.13
CA LEU A 76 -16.73 25.36 -12.77
C LEU A 76 -15.44 24.87 -13.41
N PHE A 77 -15.03 23.64 -13.08
CA PHE A 77 -13.82 23.06 -13.64
C PHE A 77 -14.10 22.48 -15.03
N TYR A 78 -14.24 23.37 -16.01
CA TYR A 78 -14.54 22.94 -17.37
C TYR A 78 -13.54 23.44 -18.39
N TYR A 79 -12.46 24.08 -17.98
CA TYR A 79 -11.40 24.43 -18.91
C TYR A 79 -10.53 23.20 -19.17
N ILE A 80 -9.62 23.32 -20.15
CA ILE A 80 -8.72 22.24 -20.54
C ILE A 80 -7.34 22.85 -20.76
N GLY A 81 -6.33 22.31 -20.09
CA GLY A 81 -4.98 22.81 -20.28
C GLY A 81 -3.96 21.79 -19.86
N THR A 82 -2.79 21.87 -20.48
CA THR A 82 -1.69 21.00 -20.11
C THR A 82 -1.15 21.49 -18.78
N MET A 83 -1.44 20.75 -17.73
CA MET A 83 -1.27 21.26 -16.38
C MET A 83 0.19 21.18 -15.93
N LEU A 84 0.72 19.98 -15.77
CA LEU A 84 2.11 19.82 -15.36
C LEU A 84 2.98 19.80 -16.61
N PRO A 85 3.83 20.81 -16.83
CA PRO A 85 4.55 20.90 -18.11
C PRO A 85 5.67 19.89 -18.27
N ASN A 86 6.40 19.97 -19.38
CA ASN A 86 7.54 19.10 -19.63
C ASN A 86 8.87 19.77 -19.32
N THR A 87 8.87 20.80 -18.48
CA THR A 87 10.11 21.41 -18.03
C THR A 87 10.65 20.64 -16.83
N ARG A 88 11.77 21.11 -16.31
CA ARG A 88 12.36 20.44 -15.18
C ARG A 88 12.22 21.30 -13.93
N PRO A 89 12.02 20.70 -12.75
CA PRO A 89 11.88 19.30 -12.40
C PRO A 89 10.45 18.81 -12.32
N HIS A 90 9.58 19.28 -13.20
CA HIS A 90 8.28 18.66 -13.35
C HIS A 90 8.31 17.54 -14.38
N SER A 91 9.48 17.27 -14.94
CA SER A 91 9.67 16.09 -15.77
C SER A 91 10.40 14.97 -15.05
N TYR A 92 11.06 15.27 -13.94
CA TYR A 92 11.72 14.25 -13.15
C TYR A 92 10.78 13.51 -12.24
N VAL A 93 9.63 14.08 -11.92
CA VAL A 93 8.73 13.53 -10.91
C VAL A 93 7.40 13.10 -11.53
N PHE A 94 6.77 13.96 -12.32
CA PHE A 94 5.41 13.74 -12.76
C PHE A 94 5.37 13.19 -14.18
N TYR A 95 4.17 12.75 -14.57
CA TYR A 95 3.85 12.46 -15.96
C TYR A 95 3.14 13.67 -16.55
N GLN A 96 3.21 13.82 -17.86
CA GLN A 96 2.54 14.93 -18.52
C GLN A 96 1.04 14.73 -18.47
N LEU A 97 0.34 15.64 -17.82
CA LEU A 97 -1.05 15.46 -17.45
C LEU A 97 -1.86 16.63 -17.96
N ARG A 98 -2.71 16.39 -18.96
CA ARG A 98 -3.69 17.37 -19.38
C ARG A 98 -5.00 17.10 -18.66
N CYS A 99 -5.59 18.13 -18.08
CA CYS A 99 -6.60 17.93 -17.06
C CYS A 99 -7.72 18.92 -17.28
N HIS A 100 -8.58 19.06 -16.27
CA HIS A 100 -9.77 19.89 -16.35
C HIS A 100 -9.66 21.06 -15.40
N LEU A 101 -8.51 21.74 -15.43
CA LEU A 101 -8.13 22.74 -14.43
C LEU A 101 -9.03 23.97 -14.47
N SER A 102 -8.90 24.79 -13.43
CA SER A 102 -9.42 26.15 -13.39
C SER A 102 -8.38 26.96 -12.60
N TYR A 103 -7.42 27.52 -13.31
CA TYR A 103 -6.20 28.00 -12.68
C TYR A 103 -6.31 29.46 -12.23
N VAL A 104 -5.23 29.95 -11.62
CA VAL A 104 -5.12 31.35 -11.20
C VAL A 104 -3.65 31.74 -11.26
N ALA A 105 -3.35 32.82 -11.97
CA ALA A 105 -1.97 33.21 -12.27
C ALA A 105 -1.60 34.50 -11.56
N TYR A 115 3.57 32.90 -10.23
CA TYR A 115 2.85 31.92 -9.43
C TYR A 115 1.60 31.52 -10.21
N THR A 116 1.62 30.34 -10.81
CA THR A 116 0.50 29.85 -11.59
C THR A 116 -0.10 28.67 -10.85
N GLY A 117 -0.99 28.95 -9.91
CA GLY A 117 -1.67 27.89 -9.21
C GLY A 117 -2.77 27.34 -10.07
N ALA A 118 -2.80 26.03 -10.21
CA ALA A 118 -3.74 25.38 -11.12
C ALA A 118 -4.75 24.57 -10.30
N MET A 119 -5.82 25.23 -9.87
CA MET A 119 -6.87 24.56 -9.12
C MET A 119 -7.65 23.66 -10.07
N THR A 120 -7.54 22.33 -9.94
CA THR A 120 -8.51 21.44 -10.56
C THR A 120 -9.54 21.00 -9.53
N SER A 121 -10.32 19.98 -9.87
CA SER A 121 -11.34 19.51 -8.95
C SER A 121 -10.79 18.66 -7.81
N LYS A 122 -9.51 18.32 -7.81
CA LYS A 122 -8.99 17.42 -6.81
C LYS A 122 -7.68 17.84 -6.17
N PHE A 123 -6.86 18.67 -6.82
CA PHE A 123 -5.60 19.08 -6.21
C PHE A 123 -5.16 20.43 -6.75
N LEU A 124 -4.53 21.20 -5.87
CA LEU A 124 -3.96 22.50 -6.20
C LEU A 124 -2.48 22.34 -6.42
N MET A 125 -1.94 23.01 -7.43
CA MET A 125 -0.52 22.90 -7.76
C MET A 125 -0.01 24.32 -7.95
N GLY A 126 0.44 24.95 -6.87
CA GLY A 126 0.99 26.29 -6.96
C GLY A 126 2.49 26.22 -7.14
N THR A 127 2.98 26.88 -8.18
CA THR A 127 4.40 26.83 -8.52
C THR A 127 4.99 28.24 -8.57
N TYR A 128 5.85 28.55 -7.61
CA TYR A 128 6.59 29.79 -7.62
C TYR A 128 7.73 29.65 -8.62
N LYS A 129 8.16 30.77 -9.19
CA LYS A 129 9.21 30.73 -10.20
C LYS A 129 9.92 32.07 -10.22
N ARG A 130 11.12 32.12 -9.64
CA ARG A 130 11.90 33.35 -9.60
C ARG A 130 12.99 33.23 -10.65
N HIS A 138 14.40 29.33 -10.80
CA HIS A 138 14.27 28.58 -9.55
C HIS A 138 12.78 28.35 -9.33
N VAL A 139 12.35 27.08 -9.35
CA VAL A 139 10.95 26.78 -9.15
C VAL A 139 10.79 25.97 -7.87
N LEU A 140 9.75 26.28 -7.12
CA LEU A 140 9.36 25.57 -5.92
C LEU A 140 7.86 25.39 -6.02
N SER A 141 7.39 24.17 -6.14
CA SER A 141 6.01 23.91 -6.48
C SER A 141 5.33 23.20 -5.34
N LEU A 142 4.31 23.85 -4.77
CA LEU A 142 3.57 23.31 -3.64
C LEU A 142 2.30 22.64 -4.15
N VAL A 143 2.07 21.39 -3.76
CA VAL A 143 0.89 20.65 -4.19
C VAL A 143 0.05 20.32 -2.96
N PHE A 144 -1.24 20.65 -3.01
CA PHE A 144 -2.20 20.39 -1.95
C PHE A 144 -3.37 19.63 -2.52
N GLY A 145 -3.93 18.70 -1.77
CA GLY A 145 -5.09 17.98 -2.23
C GLY A 145 -5.25 16.68 -1.45
N LYS A 146 -6.30 15.95 -1.82
CA LYS A 146 -6.54 14.65 -1.18
C LYS A 146 -5.49 13.65 -1.63
N THR A 147 -5.15 12.72 -0.73
CA THR A 147 -3.94 11.91 -0.91
C THR A 147 -4.08 10.88 -2.03
N LYS A 148 -5.28 10.34 -2.22
CA LYS A 148 -5.49 9.40 -3.31
C LYS A 148 -5.72 10.10 -4.65
N ASP A 149 -5.84 11.42 -4.66
CA ASP A 149 -6.16 12.17 -5.87
C ASP A 149 -4.99 12.99 -6.39
N LEU A 150 -3.86 12.95 -5.72
CA LEU A 150 -2.66 13.64 -6.19
C LEU A 150 -2.15 12.96 -7.46
N PRO A 151 -1.48 13.71 -8.35
CA PRO A 151 -1.19 13.17 -9.69
C PRO A 151 -0.14 12.07 -9.66
N ASP A 152 0.04 11.45 -10.81
CA ASP A 152 0.83 10.24 -10.92
C ASP A 152 2.31 10.58 -10.90
N LEU A 153 3.08 9.73 -10.23
CA LEU A 153 4.52 9.91 -10.10
C LEU A 153 5.25 8.85 -10.91
N ARG A 154 6.31 9.27 -11.60
CA ARG A 154 7.14 8.35 -12.35
C ARG A 154 8.40 8.05 -11.57
N GLY A 155 9.19 7.16 -12.11
CA GLY A 155 10.50 6.87 -11.58
C GLY A 155 10.42 6.14 -10.27
N PRO A 156 11.44 6.31 -9.44
CA PRO A 156 11.42 5.66 -8.15
C PRO A 156 10.75 6.49 -7.05
N PHE A 157 9.99 7.51 -7.44
CA PHE A 157 9.46 8.45 -6.46
C PHE A 157 8.17 7.94 -5.84
N SER A 158 7.84 8.54 -4.69
CA SER A 158 6.61 8.25 -3.97
C SER A 158 6.32 9.42 -3.04
N TYR A 159 5.07 9.58 -2.70
CA TYR A 159 4.62 10.72 -1.91
C TYR A 159 5.07 10.84 -0.45
N PRO A 160 5.25 9.75 0.33
CA PRO A 160 5.74 9.96 1.70
C PRO A 160 7.19 10.41 1.78
N SER A 161 7.98 10.27 0.73
CA SER A 161 9.28 10.90 0.69
C SER A 161 9.21 12.35 0.26
N LEU A 162 8.01 12.86 -0.06
CA LEU A 162 7.82 14.23 -0.52
C LEU A 162 6.79 15.00 0.29
N THR A 163 6.05 14.34 1.20
CA THR A 163 4.98 14.99 1.92
C THR A 163 5.55 15.90 3.00
N SER A 164 4.89 17.04 3.23
CA SER A 164 5.29 17.95 4.30
C SER A 164 4.31 18.03 5.45
N ALA A 165 3.04 17.67 5.22
CA ALA A 165 2.05 17.57 6.29
C ALA A 165 0.94 16.67 5.79
N GLN A 166 0.28 15.97 6.72
CA GLN A 166 -0.79 15.06 6.34
C GLN A 166 -1.72 14.84 7.53
N SER A 167 -3.01 15.07 7.32
CA SER A 167 -4.01 14.92 8.38
C SER A 167 -5.16 14.06 7.86
N GLY A 168 -5.01 12.75 7.95
CA GLY A 168 -6.04 11.87 7.48
C GLY A 168 -6.04 11.73 5.98
N ASP A 169 -6.97 12.41 5.32
CA ASP A 169 -7.11 12.29 3.87
C ASP A 169 -6.26 13.29 3.09
N TYR A 170 -5.97 14.45 3.66
CA TYR A 170 -5.30 15.50 2.92
C TYR A 170 -3.79 15.42 3.08
N SER A 171 -3.08 16.13 2.21
CA SER A 171 -1.63 16.18 2.24
C SER A 171 -1.15 17.38 1.45
N LEU A 172 -0.02 17.95 1.88
CA LEU A 172 0.59 19.10 1.26
C LEU A 172 2.05 18.77 0.97
N VAL A 173 2.38 18.51 -0.29
CA VAL A 173 3.72 18.08 -0.66
C VAL A 173 4.42 19.21 -1.39
N ILE A 174 5.75 19.15 -1.44
CA ILE A 174 6.56 20.11 -2.18
C ILE A 174 7.45 19.35 -3.16
N VAL A 175 7.49 19.82 -4.39
CA VAL A 175 8.17 19.13 -5.49
C VAL A 175 9.19 20.10 -6.07
N THR A 176 10.42 20.06 -5.58
CA THR A 176 11.45 20.94 -6.11
C THR A 176 12.81 20.25 -6.07
N THR A 177 13.70 20.70 -6.94
CA THR A 177 15.04 20.15 -6.91
C THR A 177 15.79 20.70 -5.72
N PHE A 178 16.92 20.06 -5.40
CA PHE A 178 17.56 20.32 -4.12
C PHE A 178 18.29 21.64 -4.07
N VAL A 179 18.78 22.14 -5.21
CA VAL A 179 19.46 23.43 -5.24
C VAL A 179 18.49 24.59 -5.40
N HIS A 180 17.20 24.31 -5.60
CA HIS A 180 16.22 25.38 -5.55
C HIS A 180 15.65 25.57 -4.16
N TYR A 181 15.51 24.51 -3.38
CA TYR A 181 15.28 24.66 -1.94
C TYR A 181 16.58 24.75 -1.15
N ALA A 182 17.63 25.29 -1.74
CA ALA A 182 18.64 25.98 -0.99
C ALA A 182 18.83 27.40 -1.48
N ASN A 183 18.11 27.80 -2.52
CA ASN A 183 18.02 29.19 -2.90
C ASN A 183 16.62 29.75 -2.72
N PHE A 184 15.68 28.94 -2.23
CA PHE A 184 14.44 29.43 -1.68
C PHE A 184 14.40 29.43 -0.16
N HIS A 185 15.25 28.66 0.50
CA HIS A 185 15.22 28.61 1.96
C HIS A 185 16.07 29.71 2.57
N ASN A 186 16.56 30.64 1.76
CA ASN A 186 17.17 31.84 2.30
C ASN A 186 16.16 32.92 2.62
N TYR A 187 15.05 32.98 1.88
CA TYR A 187 14.03 34.00 2.13
C TYR A 187 12.60 33.47 2.21
N PHE A 188 12.26 32.39 1.52
CA PHE A 188 10.93 31.78 1.61
C PHE A 188 11.07 30.61 2.58
N VAL A 189 10.96 30.90 3.86
CA VAL A 189 10.97 29.83 4.85
C VAL A 189 9.53 29.62 5.29
N PRO A 190 8.84 28.63 4.74
CA PRO A 190 7.41 28.50 4.97
C PRO A 190 7.13 27.74 6.26
N ASN A 191 5.92 27.90 6.74
CA ASN A 191 5.41 27.15 7.88
C ASN A 191 4.30 26.26 7.34
N LEU A 192 4.66 25.07 6.87
CA LEU A 192 3.71 24.25 6.15
C LEU A 192 2.80 23.43 7.06
N LYS A 193 2.69 23.78 8.34
CA LYS A 193 1.67 23.23 9.21
C LYS A 193 0.73 24.31 9.72
N ASP A 194 0.70 25.46 9.07
CA ASP A 194 -0.34 26.45 9.26
C ASP A 194 -0.84 27.03 7.94
N MET A 195 -0.24 26.66 6.82
CA MET A 195 -0.89 26.71 5.53
C MET A 195 -1.73 25.47 5.29
N PHE A 196 -1.69 24.52 6.21
CA PHE A 196 -2.39 23.26 6.09
C PHE A 196 -3.39 23.00 7.21
N SER A 197 -3.09 23.37 8.44
CA SER A 197 -4.08 23.23 9.49
C SER A 197 -4.97 24.45 9.60
N ARG A 198 -4.95 25.30 8.61
CA ARG A 198 -6.00 26.28 8.40
C ARG A 198 -6.75 26.04 7.11
N ALA A 199 -6.09 25.50 6.10
CA ALA A 199 -6.71 25.22 4.81
C ALA A 199 -7.47 23.90 4.81
N VAL A 200 -7.37 23.11 5.86
CA VAL A 200 -8.17 21.90 5.98
C VAL A 200 -9.39 22.11 6.86
N THR A 201 -9.48 23.23 7.55
CA THR A 201 -10.55 23.46 8.51
C THR A 201 -11.34 24.72 8.22
N LEU B 1 12.02 -1.74 -25.91
CA LEU B 1 12.17 -0.97 -27.13
C LEU B 1 10.96 -0.04 -27.25
N ALA B 2 10.00 -0.38 -28.09
CA ALA B 2 8.71 0.31 -28.15
C ALA B 2 7.60 -0.75 -28.11
N LEU B 3 6.41 -0.34 -27.67
CA LEU B 3 5.38 -1.32 -27.42
C LEU B 3 4.59 -1.72 -28.66
N GLU B 4 5.06 -1.38 -29.85
CA GLU B 4 4.54 -2.02 -31.04
C GLU B 4 5.04 -3.45 -31.18
N ASN B 5 6.13 -3.79 -30.51
CA ASN B 5 6.75 -5.11 -30.59
C ASN B 5 6.89 -5.72 -29.20
N ILE B 6 5.92 -5.47 -28.34
CA ILE B 6 5.92 -5.97 -26.96
C ILE B 6 4.73 -6.91 -26.81
N SER B 7 5.00 -8.15 -26.41
CA SER B 7 3.95 -9.12 -26.17
C SER B 7 3.86 -9.58 -24.73
N ASP B 8 4.97 -10.03 -24.14
CA ASP B 8 4.98 -10.46 -22.76
C ASP B 8 5.94 -9.60 -21.96
N ILE B 9 5.59 -9.38 -20.69
CA ILE B 9 6.45 -8.69 -19.73
C ILE B 9 6.44 -9.54 -18.47
N TYR B 10 7.61 -9.91 -17.98
CA TYR B 10 7.73 -10.73 -16.79
C TYR B 10 8.19 -9.86 -15.62
N LEU B 11 7.60 -10.09 -14.46
CA LEU B 11 7.95 -9.35 -13.25
C LEU B 11 8.35 -10.29 -12.12
N VAL B 12 9.22 -11.25 -12.40
CA VAL B 12 9.67 -12.19 -11.38
C VAL B 12 10.46 -11.45 -10.32
N SER B 13 10.18 -11.75 -9.06
CA SER B 13 10.69 -10.96 -7.94
C SER B 13 11.53 -11.75 -6.96
N ASN B 14 11.73 -13.04 -7.18
CA ASN B 14 12.57 -13.84 -6.30
C ASN B 14 13.74 -14.49 -7.01
N GLN B 15 13.50 -15.16 -8.15
CA GLN B 15 14.52 -15.94 -8.82
C GLN B 15 15.06 -15.30 -10.09
N THR B 16 15.03 -13.98 -10.18
CA THR B 16 15.56 -13.28 -11.35
C THR B 16 17.03 -12.94 -11.14
N CYS B 17 17.56 -12.06 -12.00
CA CYS B 17 18.96 -11.67 -11.96
C CYS B 17 19.31 -10.92 -10.68
N ASP B 18 18.54 -9.90 -10.34
CA ASP B 18 18.78 -9.15 -9.11
C ASP B 18 17.58 -8.98 -8.19
N GLY B 19 16.39 -8.74 -8.70
CA GLY B 19 15.24 -8.53 -7.85
C GLY B 19 14.12 -7.85 -8.61
N PHE B 20 13.30 -7.11 -7.87
CA PHE B 20 12.12 -6.47 -8.43
C PHE B 20 12.48 -5.35 -9.42
N SER B 21 13.65 -4.72 -9.23
CA SER B 21 14.07 -3.62 -10.08
C SER B 21 14.51 -4.04 -11.47
N LEU B 22 14.45 -5.33 -11.82
CA LEU B 22 14.68 -5.81 -13.18
C LEU B 22 13.48 -6.61 -13.66
N ALA B 23 13.00 -6.30 -14.85
CA ALA B 23 11.82 -6.93 -15.43
C ALA B 23 12.04 -7.10 -16.92
N SER B 24 11.95 -8.33 -17.41
CA SER B 24 12.39 -8.69 -18.75
C SER B 24 11.25 -8.53 -19.74
N LEU B 25 11.41 -7.60 -20.68
CA LEU B 25 10.51 -7.55 -21.83
C LEU B 25 11.00 -8.50 -22.91
N ASN B 26 10.06 -9.02 -23.69
CA ASN B 26 10.40 -9.82 -24.85
C ASN B 26 9.28 -9.71 -25.87
N SER B 27 9.40 -10.42 -26.97
CA SER B 27 8.42 -10.34 -28.04
C SER B 27 7.85 -11.71 -28.41
N VAL B 28 12.34 -14.84 -31.47
CA VAL B 28 12.03 -14.10 -30.26
C VAL B 28 13.34 -13.60 -29.63
N ILE B 29 13.31 -12.38 -29.10
CA ILE B 29 14.43 -11.79 -28.39
C ILE B 29 13.91 -11.18 -27.10
N SER B 30 14.78 -11.12 -26.11
CA SER B 30 14.43 -10.57 -24.80
C SER B 30 15.29 -9.36 -24.50
N ARG B 31 14.78 -8.48 -23.63
CA ARG B 31 15.48 -7.29 -23.20
C ARG B 31 15.56 -7.28 -21.68
N CYS B 32 16.22 -6.26 -21.14
CA CYS B 32 16.35 -6.08 -19.69
C CYS B 32 15.99 -4.63 -19.37
N ALA B 33 14.71 -4.37 -19.20
CA ALA B 33 14.21 -3.02 -18.98
C ALA B 33 14.36 -2.63 -17.51
N ASN B 34 13.72 -1.53 -17.13
CA ASN B 34 13.83 -1.00 -15.78
C ASN B 34 12.63 -1.44 -14.95
N GLY B 35 12.87 -1.71 -13.68
CA GLY B 35 11.83 -2.30 -12.84
C GLY B 35 10.81 -1.29 -12.39
N LEU B 36 11.24 -0.26 -11.68
CA LEU B 36 10.36 0.78 -11.18
C LEU B 36 9.99 1.81 -12.23
N ASN B 37 10.19 1.53 -13.50
CA ASN B 37 9.73 2.39 -14.56
C ASN B 37 8.74 1.71 -15.49
N VAL B 38 8.59 0.41 -15.41
CA VAL B 38 7.48 -0.29 -16.06
C VAL B 38 6.33 -0.49 -15.08
N VAL B 39 6.62 -0.76 -13.82
CA VAL B 39 5.58 -0.82 -12.79
C VAL B 39 5.00 0.57 -12.55
N SER B 40 5.84 1.60 -12.55
CA SER B 40 5.33 2.95 -12.40
C SER B 40 4.81 3.52 -13.70
N PHE B 41 4.73 2.74 -14.77
CA PHE B 41 3.97 3.13 -15.94
C PHE B 41 2.62 2.43 -16.00
N PHE B 42 2.55 1.14 -15.65
CA PHE B 42 1.28 0.43 -15.71
C PHE B 42 0.34 0.82 -14.59
N ILE B 43 0.85 1.36 -13.48
CA ILE B 43 -0.05 2.00 -12.53
C ILE B 43 -0.66 3.24 -13.16
N SER B 44 0.14 4.01 -13.89
CA SER B 44 -0.30 5.30 -14.39
C SER B 44 -1.17 5.19 -15.63
N ILE B 45 -1.36 3.99 -16.17
CA ILE B 45 -2.24 3.81 -17.33
C ILE B 45 -3.52 3.04 -16.98
N LEU B 46 -3.55 2.35 -15.84
CA LEU B 46 -4.78 1.75 -15.34
C LEU B 46 -5.54 2.70 -14.45
N LYS B 47 -4.82 3.46 -13.63
CA LYS B 47 -5.46 4.47 -12.79
C LYS B 47 -5.98 5.62 -13.64
N ARG B 48 -5.34 5.88 -14.79
CA ARG B 48 -5.81 6.94 -15.67
C ARG B 48 -7.08 6.54 -16.38
N SER B 49 -7.11 5.35 -16.95
CA SER B 49 -8.29 4.86 -17.66
C SER B 49 -9.13 3.97 -16.75
N SER B 50 -9.54 4.53 -15.62
CA SER B 50 -10.23 3.75 -14.60
C SER B 50 -11.71 3.61 -14.86
N SER B 51 -12.22 4.17 -15.96
CA SER B 51 -13.64 4.07 -16.26
C SER B 51 -13.99 2.89 -17.15
N ALA B 52 -13.00 2.08 -17.56
CA ALA B 52 -13.22 1.01 -18.51
C ALA B 52 -12.71 -0.35 -18.04
N LEU B 53 -12.23 -0.43 -16.80
CA LEU B 53 -11.63 -1.67 -16.33
C LEU B 53 -12.69 -2.73 -16.06
N THR B 54 -12.41 -3.96 -16.46
CA THR B 54 -13.42 -5.01 -16.50
C THR B 54 -13.71 -5.62 -15.13
N GLY B 55 -12.91 -5.36 -14.11
CA GLY B 55 -13.03 -6.02 -12.83
C GLY B 55 -11.97 -7.05 -12.57
N HIS B 56 -11.30 -7.53 -13.61
CA HIS B 56 -10.09 -8.33 -13.44
C HIS B 56 -8.85 -7.47 -13.44
N LEU B 57 -8.84 -6.39 -14.23
CA LEU B 57 -7.69 -5.50 -14.26
C LEU B 57 -7.62 -4.58 -13.06
N ARG B 58 -8.69 -4.46 -12.27
CA ARG B 58 -8.58 -3.75 -11.00
C ARG B 58 -7.72 -4.53 -10.01
N GLU B 59 -7.66 -5.86 -10.16
CA GLU B 59 -6.70 -6.64 -9.41
C GLU B 59 -5.28 -6.37 -9.88
N LEU B 60 -5.10 -5.99 -11.15
CA LEU B 60 -3.78 -5.58 -11.59
C LEU B 60 -3.43 -4.20 -11.09
N LEU B 61 -4.43 -3.34 -10.90
CA LEU B 61 -4.16 -2.03 -10.33
C LEU B 61 -3.80 -2.14 -8.87
N THR B 62 -4.31 -3.16 -8.17
CA THR B 62 -4.05 -3.30 -6.75
C THR B 62 -2.78 -4.08 -6.46
N THR B 63 -2.40 -5.01 -7.34
CA THR B 63 -1.18 -5.76 -7.11
C THR B 63 0.05 -4.93 -7.46
N LEU B 64 0.00 -4.16 -8.55
CA LEU B 64 1.15 -3.38 -8.98
C LEU B 64 1.40 -2.19 -8.06
N GLU B 65 0.35 -1.64 -7.48
CA GLU B 65 0.43 -0.50 -6.58
C GLU B 65 0.85 -0.89 -5.17
N THR B 66 0.55 -2.12 -4.76
CA THR B 66 1.05 -2.63 -3.50
C THR B 66 2.51 -3.03 -3.64
N LEU B 67 2.86 -3.67 -4.75
CA LEU B 67 4.22 -4.09 -4.99
C LEU B 67 5.17 -2.92 -5.20
N TYR B 68 4.64 -1.79 -5.68
CA TYR B 68 5.46 -0.60 -5.88
C TYR B 68 5.60 0.20 -4.60
N GLY B 69 4.60 0.17 -3.74
CA GLY B 69 4.66 0.93 -2.51
C GLY B 69 5.47 0.30 -1.41
N SER B 70 5.96 -0.91 -1.63
CA SER B 70 6.76 -1.61 -0.63
C SER B 70 8.24 -1.58 -0.91
N PHE B 71 8.65 -1.15 -2.10
CA PHE B 71 10.05 -1.13 -2.46
C PHE B 71 10.73 0.06 -1.81
N SER B 72 11.64 -0.20 -0.88
CA SER B 72 12.45 0.85 -0.31
C SER B 72 13.53 1.26 -1.30
N VAL B 73 13.46 2.51 -1.78
CA VAL B 73 14.43 2.95 -2.77
C VAL B 73 15.76 3.26 -2.12
N GLU B 74 15.75 3.62 -0.85
CA GLU B 74 16.99 3.94 -0.14
C GLU B 74 17.86 2.72 0.12
N ASP B 75 17.41 1.51 -0.18
CA ASP B 75 18.22 0.31 -0.11
C ASP B 75 18.58 -0.21 -1.50
N LEU B 76 18.54 0.65 -2.50
CA LEU B 76 18.96 0.30 -3.85
C LEU B 76 20.39 0.74 -4.12
N PHE B 77 21.18 0.96 -3.07
CA PHE B 77 22.56 1.40 -3.25
C PHE B 77 23.42 0.27 -3.82
N GLN C 1 14.84 -16.51 9.20
CA GLN C 1 14.17 -15.23 9.15
C GLN C 1 13.10 -15.15 10.24
N GLN C 2 13.10 -14.04 10.99
CA GLN C 2 12.21 -13.91 12.12
C GLN C 2 12.05 -12.45 12.48
N VAL C 3 11.03 -12.17 13.27
CA VAL C 3 10.64 -10.82 13.66
C VAL C 3 10.42 -10.81 15.16
N LYS C 4 11.04 -9.86 15.86
CA LYS C 4 10.82 -9.71 17.30
C LYS C 4 10.52 -8.26 17.60
N GLU C 5 9.46 -8.03 18.39
CA GLU C 5 9.16 -6.70 18.92
C GLU C 5 9.56 -6.64 20.38
N SER C 6 9.84 -5.43 20.86
CA SER C 6 10.43 -5.27 22.18
C SER C 6 10.11 -3.89 22.73
N GLY C 7 9.86 -3.84 24.03
CA GLY C 7 9.60 -2.60 24.72
C GLY C 7 8.13 -2.40 24.98
N GLY C 8 7.68 -2.77 26.17
CA GLY C 8 6.34 -2.51 26.61
C GLY C 8 6.29 -2.59 28.12
N ARG C 9 5.83 -1.53 28.76
CA ARG C 9 5.95 -1.40 30.21
C ARG C 9 4.67 -0.81 30.77
N LEU C 10 4.54 -0.90 32.09
CA LEU C 10 3.39 -0.31 32.75
C LEU C 10 3.54 1.20 32.76
N VAL C 11 2.49 1.92 32.39
CA VAL C 11 2.56 3.37 32.31
C VAL C 11 1.47 4.00 33.15
N THR C 12 1.72 5.22 33.61
CA THR C 12 0.65 6.08 34.10
C THR C 12 -0.25 6.41 32.92
N PRO C 13 -1.58 6.33 33.06
CA PRO C 13 -2.47 6.60 31.93
C PRO C 13 -2.39 8.02 31.41
N GLY C 14 -1.78 8.17 30.25
CA GLY C 14 -1.45 9.47 29.71
C GLY C 14 0.01 9.70 29.45
N THR C 15 0.90 8.76 29.76
CA THR C 15 2.30 8.90 29.39
C THR C 15 2.54 8.18 28.07
N PRO C 16 3.09 8.85 27.05
CA PRO C 16 3.22 8.21 25.75
C PRO C 16 4.25 7.07 25.75
N LEU C 17 3.92 6.01 25.03
CA LEU C 17 4.71 4.80 24.98
C LEU C 17 5.00 4.43 23.54
N THR C 18 6.24 4.00 23.28
CA THR C 18 6.64 3.57 21.95
C THR C 18 7.16 2.14 22.00
N LEU C 19 6.73 1.33 21.03
CA LEU C 19 7.19 -0.04 20.87
C LEU C 19 8.02 -0.14 19.60
N THR C 20 9.07 -0.97 19.64
CA THR C 20 9.95 -1.16 18.50
C THR C 20 9.84 -2.60 18.02
N CYS C 21 10.07 -2.79 16.72
CA CYS C 21 9.99 -4.10 16.08
C CYS C 21 11.15 -4.28 15.13
N THR C 22 12.00 -5.28 15.35
CA THR C 22 13.25 -5.43 14.63
C THR C 22 13.17 -6.62 13.69
N ALA C 23 13.45 -6.40 12.41
CA ALA C 23 13.51 -7.48 11.44
C ALA C 23 14.92 -8.06 11.44
N SER C 24 15.08 -9.30 11.89
CA SER C 24 16.39 -9.82 12.19
C SER C 24 17.06 -10.52 11.01
N GLY C 25 16.33 -11.35 10.27
CA GLY C 25 17.00 -12.22 9.32
C GLY C 25 16.51 -12.23 7.89
N PHE C 26 16.12 -11.08 7.36
CA PHE C 26 15.58 -11.01 6.01
C PHE C 26 16.64 -10.54 5.04
N SER C 27 16.46 -10.92 3.77
CA SER C 27 17.43 -10.66 2.72
C SER C 27 16.99 -9.52 1.80
N LEU C 28 15.82 -9.65 1.19
CA LEU C 28 15.28 -8.58 0.37
C LEU C 28 14.56 -7.56 1.25
N SER C 29 14.56 -6.32 0.80
CA SER C 29 13.87 -5.25 1.51
C SER C 29 12.73 -4.75 0.63
N THR C 30 11.62 -5.49 0.67
CA THR C 30 10.31 -5.08 0.13
C THR C 30 9.32 -5.58 1.18
N TYR C 31 9.00 -4.75 2.17
CA TYR C 31 8.24 -5.23 3.31
C TYR C 31 7.04 -4.35 3.58
N TRP C 32 6.01 -4.97 4.15
CA TRP C 32 4.84 -4.28 4.71
C TRP C 32 4.72 -4.75 6.16
N MET C 33 5.37 -4.04 7.08
CA MET C 33 5.21 -4.36 8.49
C MET C 33 3.84 -3.92 8.97
N SER C 34 3.24 -4.71 9.85
CA SER C 34 1.90 -4.41 10.35
C SER C 34 1.83 -4.72 11.83
N TRP C 35 1.10 -3.89 12.57
CA TRP C 35 0.90 -4.07 13.99
C TRP C 35 -0.55 -4.45 14.24
N VAL C 36 -0.79 -5.51 15.00
CA VAL C 36 -2.13 -5.86 15.42
C VAL C 36 -2.17 -5.93 16.94
N ARG C 37 -3.38 -5.90 17.49
CA ARG C 37 -3.61 -5.78 18.91
C ARG C 37 -4.41 -6.98 19.39
N GLN C 38 -4.31 -7.28 20.67
CA GLN C 38 -5.17 -8.30 21.27
C GLN C 38 -5.32 -7.99 22.75
N ALA C 39 -6.48 -7.49 23.14
CA ALA C 39 -6.79 -7.35 24.55
C ALA C 39 -6.88 -8.74 25.18
N PRO C 40 -6.62 -8.88 26.51
CA PRO C 40 -6.55 -10.23 27.08
C PRO C 40 -7.89 -10.94 27.11
N GLY C 41 -8.05 -11.87 26.17
CA GLY C 41 -9.28 -12.60 26.02
C GLY C 41 -10.23 -12.11 24.94
N LYS C 42 -9.75 -11.36 23.96
CA LYS C 42 -10.58 -10.83 22.88
C LYS C 42 -9.98 -11.21 21.54
N GLY C 43 -10.69 -10.88 20.48
CA GLY C 43 -10.18 -11.13 19.15
C GLY C 43 -9.14 -10.12 18.75
N LEU C 44 -8.47 -10.40 17.63
CA LEU C 44 -7.43 -9.51 17.17
C LEU C 44 -8.04 -8.24 16.60
N GLU C 45 -7.34 -7.13 16.78
CA GLU C 45 -7.74 -5.83 16.28
C GLU C 45 -6.59 -5.26 15.47
N TYR C 46 -6.90 -4.69 14.32
CA TYR C 46 -5.88 -4.19 13.42
C TYR C 46 -5.58 -2.73 13.73
N ILE C 47 -4.30 -2.35 13.62
CA ILE C 47 -3.83 -1.02 14.01
C ILE C 47 -3.30 -0.24 12.81
N GLY C 48 -2.28 -0.75 12.15
CA GLY C 48 -1.73 -0.03 11.03
C GLY C 48 -0.73 -0.84 10.25
N VAL C 49 -0.10 -0.19 9.27
CA VAL C 49 0.83 -0.85 8.37
C VAL C 49 1.81 0.19 7.89
N ILE C 50 3.05 -0.22 7.60
CA ILE C 50 4.07 0.66 7.06
C ILE C 50 4.81 -0.09 5.97
N GLY C 51 5.11 0.58 4.88
CA GLY C 51 5.78 -0.03 3.75
C GLY C 51 7.27 0.14 3.80
N GLY C 52 7.90 -0.06 2.65
CA GLY C 52 9.31 0.20 2.57
C GLY C 52 9.54 1.63 2.11
N SER C 53 8.61 2.15 1.32
CA SER C 53 8.71 3.52 0.86
C SER C 53 8.30 4.53 1.91
N GLY C 54 7.69 4.07 3.00
CA GLY C 54 7.18 4.95 4.02
C GLY C 54 5.68 5.12 3.99
N SER C 55 5.00 4.48 3.05
CA SER C 55 3.55 4.64 2.89
C SER C 55 2.85 3.97 4.05
N THR C 56 2.38 4.78 5.00
CA THR C 56 1.70 4.27 6.19
C THR C 56 0.20 4.41 6.05
N TYR C 57 -0.53 3.43 6.55
CA TYR C 57 -1.99 3.44 6.56
C TYR C 57 -2.45 2.99 7.94
N TYR C 58 -3.64 3.42 8.32
CA TYR C 58 -4.17 3.07 9.62
C TYR C 58 -5.60 2.57 9.49
N ALA C 59 -6.10 1.93 10.54
CA ALA C 59 -7.47 1.50 10.57
C ALA C 59 -8.38 2.67 10.91
N SER C 60 -9.69 2.42 10.93
CA SER C 60 -10.65 3.51 11.11
C SER C 60 -10.67 4.02 12.53
N TRP C 61 -10.57 3.13 13.51
CA TRP C 61 -10.62 3.55 14.90
C TRP C 61 -9.26 4.03 15.40
N ALA C 62 -8.18 3.52 14.81
CA ALA C 62 -6.83 3.82 15.26
C ALA C 62 -6.20 4.98 14.51
N LYS C 63 -7.02 5.91 14.02
CA LYS C 63 -6.51 7.11 13.38
C LYS C 63 -6.40 8.22 14.42
N GLY C 64 -5.28 8.94 14.39
CA GLY C 64 -5.03 10.00 15.34
C GLY C 64 -4.36 9.55 16.62
N ARG C 65 -4.69 8.35 17.10
CA ARG C 65 -4.14 7.89 18.37
C ARG C 65 -2.78 7.23 18.18
N PHE C 66 -2.57 6.52 17.08
CA PHE C 66 -1.34 5.76 16.86
C PHE C 66 -0.49 6.41 15.77
N THR C 67 0.80 6.09 15.79
CA THR C 67 1.74 6.62 14.81
C THR C 67 2.81 5.58 14.54
N ILE C 68 2.94 5.13 13.30
CA ILE C 68 3.94 4.15 12.90
C ILE C 68 4.99 4.84 12.05
N SER C 69 6.25 4.69 12.46
CA SER C 69 7.34 5.42 11.81
C SER C 69 8.57 4.54 11.80
N LYS C 70 9.13 4.31 10.63
CA LYS C 70 10.23 3.38 10.50
C LYS C 70 11.57 4.08 10.67
N THR C 71 12.62 3.28 10.75
CA THR C 71 13.98 3.74 10.90
C THR C 71 14.78 2.86 9.93
N SER C 72 16.11 2.79 10.06
CA SER C 72 16.91 1.99 9.15
C SER C 72 16.66 0.49 9.35
N THR C 73 16.42 0.06 10.59
CA THR C 73 16.29 -1.35 10.89
C THR C 73 15.07 -1.71 11.72
N THR C 74 14.37 -0.74 12.32
CA THR C 74 13.24 -1.00 13.18
C THR C 74 11.98 -0.41 12.56
N VAL C 75 10.85 -0.74 13.17
CA VAL C 75 9.57 -0.11 12.89
C VAL C 75 8.95 0.25 14.24
N ASP C 76 8.67 1.52 14.45
CA ASP C 76 8.28 2.02 15.75
C ASP C 76 6.80 2.36 15.77
N LEU C 77 6.09 1.83 16.75
CA LEU C 77 4.74 2.27 17.06
C LEU C 77 4.83 3.39 18.08
N LYS C 78 3.82 4.24 18.11
CA LYS C 78 3.74 5.29 19.13
C LYS C 78 2.29 5.45 19.52
N ILE C 79 1.96 5.09 20.76
CA ILE C 79 0.65 5.36 21.32
C ILE C 79 0.71 6.77 21.90
N THR C 80 -0.15 7.66 21.44
CA THR C 80 -0.04 9.06 21.83
C THR C 80 -0.49 9.27 23.26
N SER C 81 -1.64 8.71 23.64
CA SER C 81 -2.17 8.86 24.99
C SER C 81 -2.81 7.53 25.40
N PRO C 82 -2.08 6.67 26.10
CA PRO C 82 -2.62 5.35 26.47
C PRO C 82 -3.67 5.48 27.55
N THR C 83 -4.91 5.17 27.21
CA THR C 83 -5.98 5.15 28.19
C THR C 83 -6.05 3.77 28.80
N THR C 84 -7.04 3.56 29.67
CA THR C 84 -7.13 2.31 30.41
C THR C 84 -7.55 1.15 29.52
N GLU C 85 -8.27 1.43 28.43
CA GLU C 85 -8.68 0.38 27.53
C GLU C 85 -7.63 0.03 26.49
N ASP C 86 -6.42 0.56 26.59
CA ASP C 86 -5.37 0.27 25.64
C ASP C 86 -4.39 -0.78 26.11
N THR C 87 -4.74 -1.55 27.14
CA THR C 87 -3.89 -2.63 27.59
C THR C 87 -4.14 -3.88 26.76
N ALA C 88 -3.08 -4.43 26.18
CA ALA C 88 -3.23 -5.48 25.18
C ALA C 88 -1.92 -6.23 25.05
N THR C 89 -1.82 -7.02 23.99
CA THR C 89 -0.58 -7.61 23.50
C THR C 89 -0.41 -7.16 22.06
N TYR C 90 0.77 -6.72 21.69
CA TYR C 90 0.99 -6.06 20.40
C TYR C 90 1.91 -6.90 19.54
N PHE C 91 1.45 -7.28 18.35
CA PHE C 91 2.20 -8.13 17.46
C PHE C 91 2.79 -7.34 16.31
N CYS C 92 3.75 -7.94 15.63
CA CYS C 92 4.41 -7.35 14.47
C CYS C 92 4.35 -8.38 13.34
N ALA C 93 3.78 -8.01 12.20
CA ALA C 93 3.57 -8.95 11.12
C ALA C 93 4.22 -8.43 9.85
N ARG C 94 5.22 -9.15 9.36
CA ARG C 94 6.01 -8.73 8.21
C ARG C 94 5.82 -9.73 7.08
N ASP C 95 5.96 -9.26 5.84
CA ASP C 95 5.75 -10.12 4.69
C ASP C 95 6.62 -9.67 3.53
N SER C 96 6.31 -10.16 2.33
CA SER C 96 6.97 -9.72 1.12
C SER C 96 6.17 -8.56 0.53
N GLY C 97 6.44 -8.21 -0.73
CA GLY C 97 5.93 -6.97 -1.27
C GLY C 97 4.46 -6.97 -1.63
N ALA C 98 3.87 -8.13 -1.87
CA ALA C 98 2.53 -8.19 -2.46
C ALA C 98 1.43 -7.80 -1.50
N GLY C 99 1.73 -7.69 -0.20
CA GLY C 99 0.78 -7.19 0.76
C GLY C 99 -0.38 -8.10 1.06
N VAL C 100 -0.19 -9.41 0.92
CA VAL C 100 -1.28 -10.36 1.14
C VAL C 100 -0.89 -11.52 2.03
N ARG C 101 0.39 -11.76 2.31
CA ARG C 101 0.81 -13.00 2.96
C ARG C 101 1.58 -12.67 4.25
N PHE C 102 0.85 -12.30 5.30
CA PHE C 102 1.46 -11.78 6.53
C PHE C 102 2.01 -12.93 7.35
N ARG C 103 3.18 -13.39 6.95
CA ARG C 103 3.65 -14.73 7.29
C ARG C 103 4.42 -14.80 8.61
N PHE C 104 5.23 -13.79 8.93
CA PHE C 104 6.14 -13.83 10.07
C PHE C 104 5.60 -12.97 11.20
N TRP C 105 5.37 -13.59 12.35
CA TRP C 105 4.74 -12.92 13.49
C TRP C 105 5.63 -13.01 14.70
N GLY C 106 5.80 -11.89 15.39
CA GLY C 106 6.58 -11.85 16.59
C GLY C 106 5.85 -12.44 17.76
N PRO C 107 6.58 -12.69 18.85
CA PRO C 107 5.94 -13.35 19.99
C PRO C 107 5.01 -12.44 20.77
N GLY C 108 5.36 -11.17 20.93
CA GLY C 108 4.39 -10.33 21.62
C GLY C 108 4.93 -9.69 22.87
N THR C 109 4.69 -8.39 23.01
CA THR C 109 5.00 -7.64 24.21
C THR C 109 3.71 -7.12 24.80
N LEU C 110 3.56 -7.24 26.12
CA LEU C 110 2.28 -7.05 26.78
C LEU C 110 2.23 -5.66 27.42
N VAL C 111 1.68 -4.71 26.68
CA VAL C 111 1.49 -3.36 27.21
C VAL C 111 0.35 -3.37 28.22
N THR C 112 0.60 -2.83 29.41
CA THR C 112 -0.44 -2.68 30.41
C THR C 112 -0.49 -1.24 30.87
N VAL C 113 -1.70 -0.67 30.92
CA VAL C 113 -1.88 0.77 31.15
C VAL C 113 -2.88 0.94 32.30
N SER C 114 -2.36 1.22 33.49
CA SER C 114 -3.18 1.52 34.66
C SER C 114 -2.29 2.12 35.74
N SER C 115 -2.76 3.18 36.38
CA SER C 115 -1.98 3.77 37.47
C SER C 115 -2.07 2.88 38.70
N ASP D 1 -14.01 1.54 7.66
CA ASP D 1 -13.63 0.35 6.91
C ASP D 1 -14.73 -0.70 7.00
N LEU D 2 -14.59 -1.78 6.22
CA LEU D 2 -15.62 -2.81 6.16
C LEU D 2 -15.59 -3.68 7.40
N VAL D 3 -16.65 -4.47 7.57
CA VAL D 3 -16.75 -5.38 8.69
C VAL D 3 -16.75 -6.81 8.16
N MET D 4 -16.30 -7.75 8.98
CA MET D 4 -16.22 -9.15 8.62
C MET D 4 -17.06 -9.95 9.60
N THR D 5 -18.28 -10.31 9.18
CA THR D 5 -19.20 -11.01 10.05
C THR D 5 -18.85 -12.50 10.04
N GLN D 6 -17.93 -12.88 10.92
CA GLN D 6 -17.42 -14.25 10.94
C GLN D 6 -18.37 -15.12 11.74
N THR D 7 -19.08 -16.01 11.04
CA THR D 7 -20.06 -16.91 11.62
C THR D 7 -19.63 -18.36 11.47
N PRO D 8 -19.87 -19.22 12.45
CA PRO D 8 -20.51 -19.02 13.75
C PRO D 8 -19.52 -18.53 14.78
N ALA D 9 -19.90 -18.56 16.05
CA ALA D 9 -19.00 -18.15 17.11
C ALA D 9 -18.16 -19.29 17.62
N SER D 10 -18.70 -20.52 17.64
CA SER D 10 -17.96 -21.68 18.07
C SER D 10 -18.58 -22.92 17.43
N VAL D 11 -17.77 -23.69 16.72
CA VAL D 11 -18.24 -24.88 16.06
C VAL D 11 -17.81 -26.09 16.87
N GLU D 12 -18.30 -27.27 16.48
CA GLU D 12 -18.01 -28.46 17.25
C GLU D 12 -18.07 -29.67 16.33
N ALA D 13 -17.09 -30.56 16.46
CA ALA D 13 -17.04 -31.78 15.67
C ALA D 13 -16.24 -32.82 16.44
N GLY D 14 -15.87 -33.90 15.76
CA GLY D 14 -15.05 -34.94 16.36
C GLY D 14 -13.86 -35.26 15.50
N VAL D 15 -13.08 -36.27 15.88
CA VAL D 15 -11.94 -36.67 15.08
C VAL D 15 -12.43 -37.37 13.83
N GLY D 16 -11.95 -36.91 12.68
CA GLY D 16 -12.40 -37.44 11.42
C GLY D 16 -13.62 -36.76 10.85
N GLY D 17 -13.96 -35.59 11.34
CA GLY D 17 -15.10 -34.86 10.83
C GLY D 17 -14.66 -33.69 9.99
N THR D 18 -15.58 -32.78 9.68
CA THR D 18 -15.25 -31.58 8.94
C THR D 18 -16.06 -30.41 9.47
N VAL D 19 -15.44 -29.24 9.50
CA VAL D 19 -16.07 -28.03 10.02
C VAL D 19 -16.08 -26.99 8.91
N THR D 20 -16.89 -25.98 9.10
CA THR D 20 -16.98 -24.87 8.17
C THR D 20 -16.98 -23.57 8.95
N ILE D 21 -16.23 -22.59 8.47
CA ILE D 21 -16.26 -21.23 8.96
C ILE D 21 -16.70 -20.34 7.83
N ASN D 22 -17.60 -19.41 8.10
CA ASN D 22 -18.04 -18.45 7.10
C ASN D 22 -17.68 -17.05 7.56
N CYS D 23 -17.22 -16.21 6.64
CA CYS D 23 -17.18 -14.79 6.92
C CYS D 23 -17.43 -14.00 5.65
N GLN D 24 -18.24 -12.96 5.79
CA GLN D 24 -18.86 -12.26 4.68
C GLN D 24 -18.39 -10.81 4.68
N ALA D 25 -17.58 -10.45 3.69
CA ALA D 25 -17.11 -9.08 3.58
C ALA D 25 -18.24 -8.18 3.10
N SER D 26 -18.21 -6.93 3.56
CA SER D 26 -19.30 -6.01 3.22
C SER D 26 -19.17 -5.41 1.84
N GLU D 27 -17.96 -5.37 1.28
CA GLU D 27 -17.76 -4.96 -0.10
C GLU D 27 -17.10 -6.07 -0.89
N ASN D 28 -17.15 -5.97 -2.21
CA ASN D 28 -16.59 -6.99 -3.08
C ASN D 28 -15.08 -6.98 -3.03
N ILE D 29 -14.48 -7.65 -2.05
CA ILE D 29 -13.03 -7.55 -1.89
C ILE D 29 -12.29 -8.40 -2.91
N GLY D 30 -12.94 -9.41 -3.48
CA GLY D 30 -12.38 -10.10 -4.63
C GLY D 30 -11.19 -10.99 -4.37
N SER D 31 -11.41 -12.08 -3.63
CA SER D 31 -10.44 -13.16 -3.38
C SER D 31 -9.14 -12.68 -2.76
N ARG D 32 -9.19 -11.60 -1.98
CA ARG D 32 -8.04 -11.18 -1.18
C ARG D 32 -8.43 -11.35 0.28
N LEU D 33 -8.13 -12.53 0.82
CA LEU D 33 -8.46 -12.86 2.19
C LEU D 33 -7.31 -13.68 2.75
N ALA D 34 -7.29 -13.86 4.06
CA ALA D 34 -6.31 -14.73 4.70
C ALA D 34 -6.92 -15.33 5.94
N TRP D 35 -6.54 -16.56 6.24
CA TRP D 35 -7.05 -17.29 7.38
C TRP D 35 -5.90 -17.64 8.32
N TYR D 36 -6.02 -17.25 9.58
CA TYR D 36 -5.01 -17.54 10.58
C TYR D 36 -5.50 -18.61 11.54
N GLN D 37 -4.61 -19.03 12.44
CA GLN D 37 -4.95 -20.07 13.41
C GLN D 37 -4.15 -19.79 14.68
N GLN D 38 -4.77 -19.15 15.66
CA GLN D 38 -4.11 -18.78 16.89
C GLN D 38 -4.45 -19.78 17.97
N LYS D 39 -3.49 -20.59 18.37
CA LYS D 39 -3.65 -21.41 19.55
C LYS D 39 -3.56 -20.53 20.80
N PRO D 40 -4.06 -20.99 21.95
CA PRO D 40 -3.90 -20.21 23.19
C PRO D 40 -2.45 -20.06 23.60
N GLY D 41 -2.00 -18.81 23.62
CA GLY D 41 -0.65 -18.49 24.06
C GLY D 41 0.39 -18.49 22.95
N GLN D 42 0.02 -18.10 21.75
CA GLN D 42 0.90 -18.20 20.59
C GLN D 42 0.64 -17.01 19.70
N PRO D 43 1.57 -16.65 18.82
CA PRO D 43 1.25 -15.76 17.73
C PRO D 43 0.45 -16.49 16.68
N PRO D 44 -0.36 -15.79 15.88
CA PRO D 44 -1.15 -16.48 14.86
C PRO D 44 -0.29 -17.02 13.73
N LYS D 45 -0.64 -18.20 13.26
CA LYS D 45 0.04 -18.84 12.14
C LYS D 45 -0.82 -18.71 10.91
N LEU D 46 -0.21 -18.28 9.81
CA LEU D 46 -0.94 -18.17 8.55
C LEU D 46 -1.26 -19.55 8.00
N LEU D 47 -2.49 -19.71 7.48
CA LEU D 47 -2.91 -20.96 6.86
C LEU D 47 -3.12 -20.82 5.37
N ILE D 48 -4.02 -19.94 4.94
CA ILE D 48 -4.38 -19.76 3.55
C ILE D 48 -4.29 -18.28 3.23
N TYR D 49 -3.70 -17.93 2.09
CA TYR D 49 -3.70 -16.55 1.64
C TYR D 49 -4.26 -16.50 0.24
N ARG D 50 -4.82 -15.34 -0.11
CA ARG D 50 -5.63 -15.11 -1.31
C ARG D 50 -6.83 -16.05 -1.41
N ALA D 51 -7.32 -16.51 -0.26
CA ALA D 51 -8.55 -17.25 -0.03
C ALA D 51 -8.58 -18.66 -0.60
N SER D 52 -7.57 -19.07 -1.36
CA SER D 52 -7.52 -20.46 -1.81
C SER D 52 -6.13 -21.06 -1.93
N THR D 53 -5.07 -20.34 -1.58
CA THR D 53 -3.71 -20.80 -1.80
C THR D 53 -3.06 -21.09 -0.46
N LEU D 54 -2.71 -22.36 -0.24
CA LEU D 54 -2.21 -22.80 1.05
C LEU D 54 -0.83 -22.22 1.31
N GLU D 55 -0.60 -21.81 2.55
CA GLU D 55 0.73 -21.38 2.97
C GLU D 55 1.62 -22.60 3.07
N SER D 56 2.85 -22.47 2.55
CA SER D 56 3.75 -23.61 2.42
C SER D 56 4.21 -24.08 3.80
N GLY D 57 3.59 -25.16 4.27
CA GLY D 57 3.85 -25.65 5.60
C GLY D 57 2.59 -26.15 6.30
N VAL D 58 1.43 -25.88 5.73
CA VAL D 58 0.17 -26.34 6.33
C VAL D 58 -0.09 -27.74 5.78
N PRO D 59 -0.90 -28.56 6.45
CA PRO D 59 -1.31 -29.83 5.86
C PRO D 59 -2.25 -29.62 4.69
N SER D 60 -2.49 -30.69 3.95
CA SER D 60 -3.35 -30.63 2.77
C SER D 60 -4.82 -30.57 3.10
N ARG D 61 -5.14 -30.69 4.40
CA ARG D 61 -6.54 -30.72 4.81
C ARG D 61 -7.25 -29.39 4.77
N PHE D 62 -6.59 -28.32 5.14
CA PHE D 62 -7.25 -27.06 5.18
C PHE D 62 -7.58 -26.70 3.79
N LYS D 63 -8.73 -26.09 3.55
CA LYS D 63 -9.05 -25.61 2.23
C LYS D 63 -9.74 -24.34 2.33
N GLY D 64 -9.69 -23.52 1.31
CA GLY D 64 -10.48 -22.32 1.39
C GLY D 64 -11.20 -22.03 0.11
N SER D 65 -12.27 -21.30 0.16
CA SER D 65 -12.96 -21.12 -1.08
C SER D 65 -13.77 -19.89 -1.13
N GLY D 66 -14.04 -19.41 -2.32
CA GLY D 66 -14.90 -18.27 -2.47
C GLY D 66 -14.28 -17.03 -2.97
N SER D 67 -15.11 -16.16 -3.51
CA SER D 67 -14.64 -14.89 -3.98
C SER D 67 -15.78 -13.96 -3.98
N GLY D 68 -15.53 -12.69 -4.24
CA GLY D 68 -16.59 -11.72 -4.15
C GLY D 68 -16.83 -11.48 -2.72
N THR D 69 -18.06 -11.58 -2.24
CA THR D 69 -18.35 -11.25 -0.86
C THR D 69 -18.56 -12.39 0.10
N GLU D 70 -18.41 -13.64 -0.28
CA GLU D 70 -18.55 -14.69 0.69
C GLU D 70 -17.43 -15.69 0.63
N PHE D 71 -16.74 -16.01 1.74
CA PHE D 71 -15.60 -16.96 1.75
C PHE D 71 -15.77 -18.03 2.82
N THR D 72 -15.08 -19.17 2.74
CA THR D 72 -15.22 -20.30 3.69
C THR D 72 -13.92 -21.12 3.95
N LEU D 73 -13.70 -21.81 5.08
CA LEU D 73 -12.51 -22.65 5.33
C LEU D 73 -13.10 -23.89 5.73
N THR D 74 -12.53 -25.01 5.35
CA THR D 74 -13.09 -26.30 5.69
C THR D 74 -12.09 -27.32 6.19
N ILE D 75 -11.65 -27.24 7.42
CA ILE D 75 -10.66 -28.12 7.93
C ILE D 75 -11.24 -29.47 7.84
N SER D 76 -10.45 -30.50 7.60
CA SER D 76 -10.99 -31.85 7.40
C SER D 76 -10.26 -32.88 8.16
N ASP D 77 -10.93 -33.94 8.60
CA ASP D 77 -10.29 -34.93 9.47
C ASP D 77 -9.52 -34.26 10.60
N LEU D 78 -10.30 -33.62 11.47
CA LEU D 78 -9.77 -32.83 12.60
C LEU D 78 -8.89 -33.68 13.50
N GLU D 79 -7.61 -33.33 13.54
CA GLU D 79 -6.69 -33.98 14.45
C GLU D 79 -6.94 -33.48 15.88
N CYS D 80 -6.20 -34.05 16.82
CA CYS D 80 -6.34 -33.63 18.22
C CYS D 80 -5.79 -32.23 18.44
N ALA D 81 -4.79 -31.83 17.67
CA ALA D 81 -4.17 -30.51 17.81
C ALA D 81 -4.82 -29.49 16.88
N ASP D 82 -6.15 -29.39 16.95
CA ASP D 82 -6.87 -28.40 16.18
C ASP D 82 -7.72 -27.49 17.03
N ALA D 83 -7.72 -27.65 18.34
CA ALA D 83 -8.47 -26.76 19.22
C ALA D 83 -7.75 -25.43 19.27
N ALA D 84 -8.20 -24.49 18.45
CA ALA D 84 -7.60 -23.16 18.40
C ALA D 84 -8.64 -22.20 17.85
N THR D 85 -8.33 -20.91 17.94
CA THR D 85 -9.21 -19.88 17.45
C THR D 85 -8.83 -19.50 16.03
N TYR D 86 -9.82 -19.37 15.15
CA TYR D 86 -9.57 -19.20 13.72
C TYR D 86 -10.13 -17.85 13.28
N TYR D 87 -9.27 -17.02 12.72
CA TYR D 87 -9.62 -15.67 12.29
C TYR D 87 -9.52 -15.57 10.78
N CYS D 88 -10.35 -14.71 10.19
CA CYS D 88 -10.22 -14.39 8.78
C CYS D 88 -9.95 -12.91 8.64
N GLN D 89 -8.98 -12.56 7.81
CA GLN D 89 -8.54 -11.19 7.62
C GLN D 89 -8.71 -10.79 6.18
N CYS D 90 -9.23 -9.60 5.95
CA CYS D 90 -9.37 -9.04 4.60
C CYS D 90 -8.11 -8.24 4.28
N THR D 91 -7.27 -8.76 3.40
CA THR D 91 -5.96 -8.17 3.15
C THR D 91 -5.99 -7.12 2.06
N TYR D 92 -7.11 -6.45 1.85
CA TYR D 92 -7.22 -5.39 0.85
C TYR D 92 -6.89 -4.04 1.47
N GLY D 93 -5.72 -3.90 2.07
CA GLY D 93 -5.54 -2.73 2.90
C GLY D 93 -4.31 -1.90 2.63
N VAL D 94 -3.58 -2.21 1.56
CA VAL D 94 -2.35 -1.50 1.22
C VAL D 94 -2.42 -1.11 -0.25
N SER D 95 -2.96 0.08 -0.52
CA SER D 95 -3.12 0.68 -1.83
C SER D 95 -3.46 2.14 -1.59
N ILE D 96 -3.64 2.90 -2.66
CA ILE D 96 -4.21 4.23 -2.53
C ILE D 96 -5.51 4.37 -3.32
N THR D 97 -5.73 3.55 -4.35
CA THR D 97 -6.94 3.69 -5.15
C THR D 97 -8.16 3.11 -4.46
N ILE D 98 -8.15 1.81 -4.14
CA ILE D 98 -9.35 1.20 -3.57
C ILE D 98 -9.29 1.19 -2.05
N ASN D 99 -8.37 0.38 -1.49
CA ASN D 99 -8.00 0.39 -0.07
C ASN D 99 -9.19 0.15 0.86
N TYR D 100 -9.70 -1.08 0.81
CA TYR D 100 -10.87 -1.48 1.59
C TYR D 100 -10.56 -1.87 3.02
N GLY D 101 -9.44 -1.44 3.59
CA GLY D 101 -9.18 -1.72 4.99
C GLY D 101 -8.59 -3.09 5.21
N ASN D 102 -8.31 -3.39 6.47
CA ASN D 102 -7.58 -4.61 6.80
C ASN D 102 -8.06 -5.24 8.10
N ASP D 103 -9.37 -5.20 8.37
CA ASP D 103 -9.87 -5.65 9.66
C ASP D 103 -9.91 -7.17 9.74
N PHE D 104 -9.78 -7.68 10.96
CA PHE D 104 -9.82 -9.11 11.24
C PHE D 104 -11.25 -9.60 11.33
N GLY D 105 -11.40 -10.85 11.77
CA GLY D 105 -12.70 -11.44 12.02
C GLY D 105 -13.08 -11.36 13.48
N GLY D 106 -14.17 -12.04 13.80
CA GLY D 106 -14.70 -11.97 15.14
C GLY D 106 -14.18 -13.07 16.04
N GLY D 107 -13.79 -14.19 15.46
CA GLY D 107 -13.26 -15.28 16.25
C GLY D 107 -14.13 -16.51 16.23
N THR D 108 -13.52 -17.68 16.05
CA THR D 108 -14.24 -18.95 16.05
C THR D 108 -13.38 -19.99 16.73
N GLU D 109 -13.83 -20.52 17.85
CA GLU D 109 -13.17 -21.67 18.45
C GLU D 109 -13.63 -22.92 17.73
N VAL D 110 -12.70 -23.83 17.47
CA VAL D 110 -13.04 -25.10 16.87
C VAL D 110 -12.69 -26.19 17.87
N VAL D 111 -13.67 -26.61 18.66
CA VAL D 111 -13.43 -27.55 19.75
C VAL D 111 -13.86 -28.94 19.31
N VAL D 112 -13.04 -29.93 19.59
CA VAL D 112 -13.38 -31.32 19.29
C VAL D 112 -14.01 -31.94 20.54
N LYS D 113 -14.72 -33.03 20.33
CA LYS D 113 -15.24 -33.82 21.45
C LYS D 113 -15.45 -35.26 21.03
#